data_8RVH
#
_entry.id   8RVH
#
_cell.length_a   77.637
_cell.length_b   43.582
_cell.length_c   133.211
_cell.angle_alpha   90.00
_cell.angle_beta   95.71
_cell.angle_gamma   90.00
#
_symmetry.space_group_name_H-M   'I 1 2 1'
#
loop_
_entity.id
_entity.type
_entity.pdbx_description
1 polymer 'Botulinum neurotoxin A heavy chain'
2 branched beta-D-galactopyranose-(1-3)-2-acetamido-2-deoxy-beta-D-galactopyranose-(1-4)-beta-D-galactopyranose-(1-4)-beta-D-glucopyranose
3 non-polymer 'N-acetyl-alpha-neuraminic acid'
4 water water
#
_entity_poly.entity_id   1
_entity_poly.type   'polypeptide(L)'
_entity_poly.pdbx_seq_one_letter_code
;MGSSHHHHHHSSGLVPRGSHMDTSILNLRYESNHLIDLSRYASKINIGSKVNFDPIDKNQIQLFNLESSKIEVILKNAIV
YNSMYENFSTSFWIRIPKYFNSISLNNEYTIINCMENNSGWKVSLNYGEIIWTLQDTQEIKQRVVFKYSQMINISDYINR
WIFVTITNNRLNNSKIYINGRLIDQKPISNLGNIHASNNIMFKLDGCRDTHRYIWIKYFNLFDKELNEKEIKDLYDNQSN
SGILKDFWGDYLQYDKPYYMLNLVDPNKYVDVNNVGIRGYMYLKGPRGSVMTTNIYLNSSLYRGTKFIIKKYASGNKDNI
VRNNDRVYINVVVKNKEYRLATNASQAGVEKILSALEIPDVGNLSQVVVMKSKNDQGITNKCKMNLQDNNGNDIGFIGFK
QFNNIAKLVASNWYNRQIERSSRTLGCSWEFIPVDDGWGERPLQ
;
_entity_poly.pdbx_strand_id   A
#
loop_
_chem_comp.id
_chem_comp.type
_chem_comp.name
_chem_comp.formula
BGC D-saccharide, beta linking beta-D-glucopyranose 'C6 H12 O6'
GAL D-saccharide, beta linking beta-D-galactopyranose 'C6 H12 O6'
NGA D-saccharide, beta linking 2-acetamido-2-deoxy-beta-D-galactopyranose 'C8 H15 N O6'
SIA D-saccharide, alpha linking 'N-acetyl-alpha-neuraminic acid' 'C11 H19 N O9'
#
# COMPACT_ATOMS: atom_id res chain seq x y z
N MET A 21 22.70 1.84 20.49
CA MET A 21 21.49 2.48 21.11
C MET A 21 20.20 1.92 20.50
N ASP A 22 19.49 1.12 21.31
CA ASP A 22 18.40 0.28 20.85
C ASP A 22 17.11 0.63 21.60
N THR A 23 16.20 1.32 20.93
CA THR A 23 14.98 1.81 21.57
C THR A 23 13.76 0.91 21.35
N SER A 24 13.96 -0.28 20.79
CA SER A 24 12.85 -1.17 20.49
C SER A 24 12.41 -1.87 21.75
N ILE A 25 11.16 -1.71 22.14
CA ILE A 25 10.63 -2.53 23.22
C ILE A 25 9.74 -3.68 22.75
N LEU A 26 9.33 -3.65 21.47
CA LEU A 26 8.61 -4.76 20.84
C LEU A 26 8.74 -4.61 19.33
N ASN A 27 9.05 -5.72 18.66
CA ASN A 27 9.28 -5.72 17.23
C ASN A 27 8.69 -7.02 16.74
N LEU A 28 7.42 -6.98 16.34
CA LEU A 28 6.65 -8.18 16.02
C LEU A 28 6.87 -8.53 14.55
N ARG A 29 7.48 -9.70 14.29
CA ARG A 29 7.85 -10.15 12.94
C ARG A 29 7.59 -11.66 12.76
N TYR A 30 7.23 -12.03 11.53
CA TYR A 30 7.00 -13.44 11.20
C TYR A 30 8.30 -14.03 10.70
N GLU A 31 8.79 -15.03 11.42
CA GLU A 31 10.01 -15.75 11.05
C GLU A 31 9.80 -17.24 11.19
N SER A 32 10.24 -17.98 10.18
CA SER A 32 10.19 -19.44 10.19
C SER A 32 8.73 -19.87 10.11
N ASN A 33 8.13 -20.34 11.19
CA ASN A 33 6.70 -20.67 11.18
C ASN A 33 5.99 -20.02 12.37
N HIS A 34 6.54 -18.89 12.82
CA HIS A 34 6.05 -18.24 14.02
C HIS A 34 6.15 -16.71 13.95
N LEU A 35 5.16 -16.07 14.54
CA LEU A 35 5.20 -14.64 14.83
C LEU A 35 5.94 -14.49 16.16
N ILE A 36 7.00 -13.69 16.17
CA ILE A 36 7.86 -13.57 17.33
C ILE A 36 8.27 -12.12 17.56
N ASP A 37 8.70 -11.86 18.79
CA ASP A 37 9.26 -10.57 19.18
C ASP A 37 10.76 -10.56 18.93
N LEU A 38 11.23 -9.71 18.02
CA LEU A 38 12.67 -9.57 17.72
C LEU A 38 13.39 -8.53 18.56
N SER A 39 12.70 -7.89 19.50
CA SER A 39 13.32 -7.03 20.49
C SER A 39 14.11 -7.87 21.49
N ARG A 40 14.90 -7.19 22.29
CA ARG A 40 15.67 -7.81 23.35
C ARG A 40 14.81 -8.37 24.51
N TYR A 41 13.50 -8.05 24.56
CA TYR A 41 12.69 -8.38 25.73
C TYR A 41 11.96 -9.69 25.58
N ALA A 42 11.82 -10.17 24.33
CA ALA A 42 11.24 -11.48 24.06
C ALA A 42 9.87 -11.66 24.75
N SER A 43 8.94 -10.74 24.48
CA SER A 43 7.57 -10.84 25.02
C SER A 43 6.85 -12.06 24.41
N LYS A 44 5.87 -12.59 25.11
CA LYS A 44 5.18 -13.81 24.66
C LYS A 44 4.04 -13.45 23.72
N ILE A 45 3.85 -14.24 22.67
CA ILE A 45 2.86 -13.96 21.64
C ILE A 45 1.88 -15.14 21.60
N ASN A 46 0.58 -14.87 21.76
CA ASN A 46 -0.48 -15.88 21.62
C ASN A 46 -1.37 -15.54 20.46
N ILE A 47 -1.48 -16.46 19.51
CA ILE A 47 -2.21 -16.21 18.29
C ILE A 47 -3.47 -17.05 18.34
N GLY A 48 -4.62 -16.41 18.06
CA GLY A 48 -5.88 -17.14 17.99
C GLY A 48 -5.98 -17.98 16.72
N SER A 49 -7.02 -18.80 16.64
CA SER A 49 -7.16 -19.78 15.56
C SER A 49 -7.57 -19.18 14.23
N LYS A 50 -8.16 -17.98 14.23
CA LYS A 50 -8.65 -17.39 12.98
C LYS A 50 -7.89 -16.15 12.52
N VAL A 51 -6.59 -16.15 12.79
CA VAL A 51 -5.66 -15.17 12.25
C VAL A 51 -5.15 -15.71 10.93
N ASN A 52 -5.23 -14.91 9.88
CA ASN A 52 -4.72 -15.30 8.57
C ASN A 52 -3.40 -14.61 8.23
N PHE A 53 -2.44 -15.36 7.70
CA PHE A 53 -1.18 -14.78 7.24
C PHE A 53 -1.12 -14.88 5.72
N ASP A 54 -0.79 -13.79 5.07
CA ASP A 54 -0.68 -13.75 3.61
C ASP A 54 0.47 -14.71 3.14
N PRO A 55 0.16 -15.72 2.30
CA PRO A 55 1.20 -16.64 1.82
C PRO A 55 2.38 -15.99 1.12
N ILE A 56 2.13 -14.89 0.42
CA ILE A 56 3.17 -14.21 -0.34
C ILE A 56 4.08 -13.39 0.58
N ASP A 57 3.60 -13.04 1.77
CA ASP A 57 4.35 -12.19 2.70
C ASP A 57 3.70 -12.37 4.07
N LYS A 58 4.20 -13.33 4.84
CA LYS A 58 3.52 -13.74 6.10
C LYS A 58 3.63 -12.74 7.25
N ASN A 59 4.42 -11.69 7.05
CA ASN A 59 4.31 -10.49 7.90
C ASN A 59 2.96 -9.75 7.79
N GLN A 60 2.22 -9.95 6.70
CA GLN A 60 0.92 -9.34 6.52
C GLN A 60 -0.10 -10.24 7.20
N ILE A 61 -0.77 -9.68 8.21
CA ILE A 61 -1.66 -10.37 9.11
C ILE A 61 -3.07 -9.85 8.96
N GLN A 62 -4.02 -10.75 8.73
CA GLN A 62 -5.41 -10.38 8.58
C GLN A 62 -6.22 -10.76 9.83
N LEU A 63 -6.93 -9.77 10.36
CA LEU A 63 -7.77 -9.90 11.53
C LEU A 63 -9.24 -9.61 11.17
N PHE A 64 -10.10 -10.59 11.34
CA PHE A 64 -11.53 -10.48 11.05
C PHE A 64 -12.29 -10.04 12.29
N ASN A 65 -13.57 -9.77 12.10
CA ASN A 65 -14.43 -9.41 13.21
C ASN A 65 -15.01 -10.69 13.88
N LEU A 66 -14.12 -11.43 14.52
CA LEU A 66 -14.41 -12.70 15.18
C LEU A 66 -13.57 -12.80 16.43
N GLU A 67 -14.12 -13.42 17.48
CA GLU A 67 -13.43 -13.54 18.76
C GLU A 67 -12.08 -14.21 18.64
N SER A 68 -12.01 -15.22 17.79
CA SER A 68 -10.79 -16.02 17.55
C SER A 68 -9.73 -15.41 16.66
N SER A 69 -10.07 -14.30 16.02
CA SER A 69 -9.15 -13.62 15.12
C SER A 69 -8.47 -12.50 15.95
N LYS A 70 -7.44 -12.89 16.67
CA LYS A 70 -6.76 -12.00 17.60
C LYS A 70 -5.33 -12.46 17.85
N ILE A 71 -4.50 -11.51 18.20
CA ILE A 71 -3.13 -11.76 18.63
C ILE A 71 -2.95 -11.00 19.93
N GLU A 72 -2.43 -11.68 20.94
CA GLU A 72 -2.22 -11.10 22.25
C GLU A 72 -0.73 -11.13 22.55
N VAL A 73 -0.16 -9.98 22.87
CA VAL A 73 1.24 -9.92 23.28
C VAL A 73 1.24 -9.72 24.78
N ILE A 74 1.90 -10.60 25.51
CA ILE A 74 2.01 -10.47 26.96
C ILE A 74 3.36 -9.82 27.25
N LEU A 75 3.34 -8.57 27.68
CA LEU A 75 4.56 -7.82 27.84
C LEU A 75 5.23 -8.21 29.14
N LYS A 76 6.57 -8.31 29.07
CA LYS A 76 7.40 -8.38 30.25
C LYS A 76 6.91 -7.29 31.22
N ASN A 77 6.62 -7.68 32.43
CA ASN A 77 6.21 -6.73 33.46
C ASN A 77 7.04 -5.43 33.55
N ALA A 78 8.36 -5.55 33.42
CA ALA A 78 9.27 -4.43 33.49
C ALA A 78 9.13 -3.42 32.32
N ILE A 79 8.56 -3.81 31.20
CA ILE A 79 8.41 -2.87 30.07
C ILE A 79 6.99 -2.33 29.90
N VAL A 80 6.09 -2.68 30.80
CA VAL A 80 4.74 -2.15 30.79
C VAL A 80 4.81 -0.64 31.02
N TYR A 81 4.02 0.13 30.29
CA TYR A 81 4.09 1.58 30.43
C TYR A 81 3.40 1.96 31.73
N ASN A 82 4.13 2.64 32.61
CA ASN A 82 3.55 3.09 33.88
C ASN A 82 4.36 4.29 34.33
N SER A 83 3.96 5.48 33.86
CA SER A 83 4.78 6.67 34.00
C SER A 83 4.04 8.01 33.81
N MET A 84 4.62 9.02 34.45
CA MET A 84 4.23 10.41 34.27
C MET A 84 5.06 11.12 33.22
N TYR A 85 6.20 10.54 32.87
CA TYR A 85 7.22 11.26 32.11
C TYR A 85 7.90 10.52 30.96
N GLU A 86 7.83 9.19 30.93
CA GLU A 86 8.53 8.43 29.88
C GLU A 86 7.90 8.64 28.51
N ASN A 87 8.72 8.97 27.52
CA ASN A 87 8.28 9.11 26.16
C ASN A 87 8.21 7.73 25.47
N PHE A 88 7.29 7.59 24.54
CA PHE A 88 7.19 6.34 23.76
C PHE A 88 6.50 6.57 22.44
N SER A 89 6.76 5.65 21.52
CA SER A 89 6.20 5.72 20.19
C SER A 89 5.76 4.36 19.73
N THR A 90 4.86 4.33 18.73
CA THR A 90 4.49 3.09 18.07
C THR A 90 4.55 3.28 16.56
N SER A 91 4.84 2.22 15.81
CA SER A 91 4.72 2.27 14.35
C SER A 91 4.15 0.95 13.86
N PHE A 92 3.45 1.02 12.72
CA PHE A 92 2.88 -0.17 12.09
C PHE A 92 2.34 0.22 10.73
N TRP A 93 2.14 -0.77 9.88
CA TRP A 93 1.44 -0.56 8.63
C TRP A 93 0.06 -1.17 8.73
N ILE A 94 -0.92 -0.54 8.08
CA ILE A 94 -2.29 -1.01 8.10
C ILE A 94 -2.92 -0.91 6.72
N ARG A 95 -3.79 -1.85 6.38
CA ARG A 95 -4.57 -1.78 5.12
C ARG A 95 -6.03 -2.00 5.46
N ILE A 96 -6.82 -0.95 5.27
CA ILE A 96 -8.18 -0.86 5.78
C ILE A 96 -9.18 -0.97 4.63
N PRO A 97 -9.98 -2.06 4.59
CA PRO A 97 -10.93 -2.15 3.49
C PRO A 97 -11.89 -0.99 3.45
N LYS A 98 -12.35 -0.65 2.24
CA LYS A 98 -13.37 0.41 2.10
C LYS A 98 -14.56 0.12 3.01
N TYR A 99 -15.08 1.16 3.66
CA TYR A 99 -16.33 1.01 4.38
C TYR A 99 -17.49 0.93 3.39
N PHE A 100 -18.30 -0.10 3.55
CA PHE A 100 -19.35 -0.42 2.60
C PHE A 100 -20.76 -0.14 3.10
N ASN A 101 -20.98 -0.15 4.43
CA ASN A 101 -22.33 -0.14 5.05
C ASN A 101 -22.52 1.08 5.95
N SER A 102 -23.75 1.60 6.02
CA SER A 102 -24.05 2.68 6.94
C SER A 102 -23.85 2.32 8.40
N ILE A 103 -23.84 1.04 8.74
CA ILE A 103 -23.60 0.67 10.15
C ILE A 103 -22.19 1.07 10.64
N SER A 104 -21.26 1.30 9.72
CA SER A 104 -19.94 1.85 10.05
C SER A 104 -19.85 3.35 10.31
N LEU A 105 -20.90 4.10 9.98
CA LEU A 105 -20.82 5.54 9.93
C LEU A 105 -20.38 6.22 11.19
N ASN A 106 -20.83 5.75 12.33
CA ASN A 106 -20.48 6.38 13.61
C ASN A 106 -20.24 5.23 14.57
N ASN A 107 -19.14 4.51 14.37
CA ASN A 107 -18.84 3.34 15.15
C ASN A 107 -17.35 3.17 15.34
N GLU A 108 -16.84 3.87 16.34
CA GLU A 108 -15.42 3.72 16.70
C GLU A 108 -15.15 2.34 17.29
N TYR A 109 -14.15 1.63 16.78
CA TYR A 109 -13.79 0.30 17.27
C TYR A 109 -12.28 0.21 17.49
N THR A 110 -11.91 -0.35 18.63
CA THR A 110 -10.53 -0.59 18.96
C THR A 110 -9.95 -1.69 18.09
N ILE A 111 -8.70 -1.50 17.66
CA ILE A 111 -7.99 -2.54 16.94
C ILE A 111 -6.70 -2.98 17.61
N ILE A 112 -6.02 -2.07 18.32
CA ILE A 112 -4.82 -2.42 19.08
C ILE A 112 -4.99 -1.80 20.45
N ASN A 113 -5.17 -2.66 21.45
CA ASN A 113 -5.65 -2.26 22.77
C ASN A 113 -4.59 -2.43 23.86
N CYS A 114 -4.21 -1.34 24.53
CA CYS A 114 -3.34 -1.44 25.70
C CYS A 114 -3.93 -0.57 26.80
N MET A 115 -5.26 -0.60 26.91
CA MET A 115 -5.99 0.10 27.97
C MET A 115 -6.43 -0.92 28.98
N GLU A 116 -6.31 -0.56 30.24
CA GLU A 116 -6.83 -1.39 31.29
C GLU A 116 -7.28 -0.48 32.41
N ASN A 117 -8.47 -0.76 32.94
CA ASN A 117 -8.99 0.05 34.05
C ASN A 117 -9.02 1.55 33.65
N ASN A 118 -9.43 1.82 32.40
CA ASN A 118 -9.45 3.17 31.81
C ASN A 118 -8.16 3.98 31.90
N SER A 119 -7.02 3.32 31.76
CA SER A 119 -5.77 4.05 31.55
C SER A 119 -4.93 3.26 30.56
N GLY A 120 -4.13 3.97 29.80
CA GLY A 120 -3.28 3.33 28.79
C GLY A 120 -3.33 4.01 27.46
N TRP A 121 -3.13 3.22 26.41
CA TRP A 121 -3.17 3.70 25.05
C TRP A 121 -3.90 2.70 24.18
N LYS A 122 -4.46 3.19 23.09
CA LYS A 122 -5.05 2.31 22.09
C LYS A 122 -5.06 2.96 20.71
N VAL A 123 -5.10 2.11 19.70
CA VAL A 123 -5.36 2.50 18.34
C VAL A 123 -6.80 2.04 18.05
N SER A 124 -7.62 2.95 17.55
CA SER A 124 -8.98 2.62 17.11
C SER A 124 -9.23 3.16 15.69
N LEU A 125 -10.27 2.62 15.06
CA LEU A 125 -10.65 3.05 13.73
C LEU A 125 -12.11 3.51 13.77
N ASN A 126 -12.51 4.30 12.80
CA ASN A 126 -13.91 4.68 12.58
C ASN A 126 -14.03 4.95 11.07
N TYR A 127 -15.24 5.13 10.58
CA TYR A 127 -15.43 5.53 9.19
C TYR A 127 -14.46 6.64 8.80
N GLY A 128 -13.57 6.33 7.87
CA GLY A 128 -12.58 7.28 7.37
C GLY A 128 -11.62 7.85 8.40
N GLU A 129 -11.35 7.09 9.47
CA GLU A 129 -10.49 7.57 10.56
C GLU A 129 -9.56 6.51 11.14
N ILE A 130 -8.35 6.97 11.50
CA ILE A 130 -7.42 6.25 12.35
C ILE A 130 -7.20 7.13 13.60
N ILE A 131 -7.42 6.56 14.78
CA ILE A 131 -7.45 7.32 16.02
C ILE A 131 -6.48 6.74 17.06
N TRP A 132 -5.68 7.61 17.69
CA TRP A 132 -4.86 7.25 18.83
C TRP A 132 -5.45 7.88 20.06
N THR A 133 -5.55 7.14 21.14
CA THR A 133 -6.08 7.65 22.40
C THR A 133 -5.13 7.33 23.55
N LEU A 134 -4.87 8.34 24.37
CA LEU A 134 -4.08 8.21 25.59
C LEU A 134 -4.96 8.58 26.73
N GLN A 135 -4.83 7.90 27.86
CA GLN A 135 -5.70 8.18 29.00
C GLN A 135 -4.97 7.94 30.32
N ASP A 136 -4.94 8.95 31.18
CA ASP A 136 -4.28 8.80 32.49
C ASP A 136 -5.18 8.09 33.50
N THR A 137 -4.66 7.88 34.72
CA THR A 137 -5.41 7.17 35.79
C THR A 137 -6.53 8.01 36.45
N GLN A 138 -6.69 9.26 36.03
CA GLN A 138 -7.81 10.09 36.47
C GLN A 138 -8.81 10.29 35.32
N GLU A 139 -8.70 9.42 34.30
CA GLU A 139 -9.51 9.48 33.08
C GLU A 139 -9.41 10.77 32.22
N ILE A 140 -8.29 11.50 32.34
CA ILE A 140 -8.02 12.60 31.42
C ILE A 140 -7.48 11.97 30.13
N LYS A 141 -8.07 12.33 28.98
CA LYS A 141 -7.80 11.69 27.68
C LYS A 141 -7.30 12.70 26.69
N GLN A 142 -6.51 12.25 25.72
CA GLN A 142 -6.24 13.05 24.54
C GLN A 142 -6.20 12.13 23.35
N ARG A 143 -6.63 12.63 22.20
N ARG A 143 -6.61 12.64 22.20
CA ARG A 143 -6.66 11.88 20.96
CA ARG A 143 -6.62 11.90 20.96
C ARG A 143 -5.96 12.66 19.86
C ARG A 143 -5.89 12.67 19.88
N VAL A 144 -5.35 11.92 18.92
CA VAL A 144 -4.89 12.48 17.63
C VAL A 144 -5.49 11.59 16.54
N VAL A 145 -5.88 12.20 15.42
CA VAL A 145 -6.72 11.53 14.42
C VAL A 145 -6.22 11.83 13.00
N PHE A 146 -6.20 10.81 12.14
CA PHE A 146 -6.02 10.99 10.70
C PHE A 146 -7.36 10.70 10.04
N LYS A 147 -7.86 11.62 9.21
CA LYS A 147 -9.12 11.45 8.49
C LYS A 147 -8.82 11.33 6.99
N TYR A 148 -9.56 10.45 6.32
CA TYR A 148 -9.48 10.29 4.86
C TYR A 148 -10.91 10.17 4.30
N SER A 149 -11.11 10.68 3.09
CA SER A 149 -12.42 10.67 2.44
C SER A 149 -12.68 9.37 1.66
N GLN A 150 -13.93 8.91 1.70
CA GLN A 150 -14.38 7.87 0.80
C GLN A 150 -15.11 8.41 -0.45
N MET A 151 -15.16 9.75 -0.58
CA MET A 151 -15.87 10.44 -1.66
C MET A 151 -14.86 11.12 -2.55
N ILE A 152 -13.81 10.40 -2.93
CA ILE A 152 -12.71 10.97 -3.68
C ILE A 152 -12.52 10.08 -4.89
N ASN A 153 -12.13 10.66 -6.04
CA ASN A 153 -12.00 9.85 -7.25
C ASN A 153 -10.98 8.71 -7.13
N ILE A 154 -9.78 9.05 -6.67
CA ILE A 154 -8.70 8.10 -6.46
C ILE A 154 -8.11 8.42 -5.09
N SER A 155 -8.15 7.44 -4.20
CA SER A 155 -7.65 7.60 -2.82
C SER A 155 -6.28 7.01 -2.64
N ASP A 156 -5.42 7.77 -1.96
CA ASP A 156 -4.15 7.26 -1.49
C ASP A 156 -4.27 6.32 -0.27
N TYR A 157 -5.44 6.25 0.35
CA TYR A 157 -5.62 5.57 1.66
C TYR A 157 -6.58 4.38 1.67
N ILE A 158 -7.71 4.48 0.99
CA ILE A 158 -8.71 3.43 1.05
C ILE A 158 -8.15 2.09 0.56
N ASN A 159 -8.09 1.11 1.45
CA ASN A 159 -7.67 -0.25 1.09
C ASN A 159 -6.23 -0.38 0.57
N ARG A 160 -5.39 0.61 0.87
CA ARG A 160 -4.00 0.64 0.47
C ARG A 160 -3.15 0.71 1.71
N TRP A 161 -1.99 0.05 1.70
CA TRP A 161 -1.11 0.03 2.85
C TRP A 161 -0.73 1.45 3.25
N ILE A 162 -0.90 1.76 4.54
CA ILE A 162 -0.61 3.06 5.15
C ILE A 162 0.44 2.82 6.23
N PHE A 163 1.50 3.63 6.27
CA PHE A 163 2.47 3.56 7.35
C PHE A 163 2.08 4.57 8.43
N VAL A 164 1.78 4.08 9.63
CA VAL A 164 1.34 4.90 10.75
C VAL A 164 2.51 4.99 11.75
N THR A 165 2.77 6.19 12.21
CA THR A 165 3.70 6.39 13.32
C THR A 165 3.07 7.33 14.33
N ILE A 166 3.01 6.93 15.59
CA ILE A 166 2.51 7.81 16.66
C ILE A 166 3.60 7.97 17.70
N THR A 167 3.89 9.23 18.04
CA THR A 167 4.93 9.58 18.99
C THR A 167 4.26 10.36 20.13
N ASN A 168 4.81 10.17 21.34
CA ASN A 168 4.32 10.75 22.56
C ASN A 168 5.47 11.32 23.39
N ASN A 169 5.39 12.61 23.62
CA ASN A 169 6.36 13.35 24.42
C ASN A 169 5.62 13.94 25.57
N ARG A 170 5.92 13.44 26.77
CA ARG A 170 5.11 13.78 27.93
C ARG A 170 5.22 15.26 28.30
N LEU A 171 6.26 15.94 27.84
CA LEU A 171 6.39 17.38 28.04
C LEU A 171 5.56 18.26 27.11
N ASN A 172 5.12 17.75 25.95
CA ASN A 172 4.30 18.54 25.05
C ASN A 172 3.22 17.74 24.33
N ASN A 173 3.55 17.07 23.24
CA ASN A 173 2.50 16.57 22.32
C ASN A 173 2.56 15.07 21.99
N SER A 174 1.38 14.53 21.66
CA SER A 174 1.25 13.33 20.84
C SER A 174 1.15 13.77 19.40
N LYS A 175 1.78 13.00 18.52
CA LYS A 175 1.79 13.27 17.08
C LYS A 175 1.47 12.02 16.27
N ILE A 176 0.65 12.16 15.23
CA ILE A 176 0.39 11.06 14.32
C ILE A 176 0.95 11.42 12.93
N TYR A 177 1.73 10.50 12.41
CA TYR A 177 2.32 10.61 11.08
C TYR A 177 1.71 9.54 10.21
N ILE A 178 1.54 9.89 8.93
CA ILE A 178 1.01 8.98 7.94
C ILE A 178 1.97 9.04 6.75
N ASN A 179 2.50 7.88 6.40
CA ASN A 179 3.55 7.73 5.39
C ASN A 179 4.71 8.71 5.60
N GLY A 180 5.16 8.79 6.85
CA GLY A 180 6.28 9.65 7.23
C GLY A 180 6.00 11.13 7.39
N ARG A 181 4.76 11.56 7.15
CA ARG A 181 4.41 12.96 7.22
C ARG A 181 3.46 13.27 8.38
N LEU A 182 3.73 14.37 9.06
CA LEU A 182 2.94 14.79 10.23
C LEU A 182 1.52 15.20 9.80
N ILE A 183 0.52 14.59 10.43
CA ILE A 183 -0.90 14.89 10.16
C ILE A 183 -1.53 15.72 11.27
N ASP A 184 -1.35 15.32 12.52
CA ASP A 184 -2.08 15.93 13.61
C ASP A 184 -1.16 15.89 14.84
N GLN A 185 -1.23 16.94 15.65
CA GLN A 185 -0.59 16.89 16.94
C GLN A 185 -1.44 17.60 17.96
N LYS A 186 -1.43 17.09 19.19
CA LYS A 186 -2.25 17.61 20.25
C LYS A 186 -1.50 17.53 21.57
N PRO A 187 -1.77 18.48 22.47
CA PRO A 187 -1.04 18.55 23.74
C PRO A 187 -1.47 17.48 24.73
N ILE A 188 -0.49 16.89 25.40
CA ILE A 188 -0.71 15.89 26.44
C ILE A 188 -0.02 16.21 27.76
N SER A 189 0.54 17.42 27.90
CA SER A 189 1.30 17.76 29.10
C SER A 189 0.41 17.83 30.36
N ASN A 190 -0.89 17.96 30.16
CA ASN A 190 -1.85 17.91 31.26
C ASN A 190 -2.16 16.50 31.83
N LEU A 191 -1.80 15.43 31.11
CA LEU A 191 -2.05 14.08 31.60
C LEU A 191 -1.06 13.71 32.71
N GLY A 192 -1.54 12.99 33.71
CA GLY A 192 -0.70 12.53 34.83
C GLY A 192 -0.16 11.15 34.58
N ASN A 193 -0.21 10.29 35.60
CA ASN A 193 0.29 8.93 35.43
C ASN A 193 -0.56 8.16 34.45
N ILE A 194 0.10 7.54 33.47
CA ILE A 194 -0.56 6.64 32.55
C ILE A 194 -0.03 5.26 32.86
N HIS A 195 -0.94 4.34 33.20
CA HIS A 195 -0.61 2.96 33.52
C HIS A 195 -1.30 2.10 32.49
N ALA A 196 -0.53 1.59 31.53
CA ALA A 196 -1.09 0.82 30.42
C ALA A 196 -1.32 -0.63 30.84
N SER A 197 -1.90 -1.39 29.91
CA SER A 197 -2.19 -2.81 30.15
C SER A 197 -0.87 -3.62 30.13
N ASN A 198 -0.84 -4.75 30.85
CA ASN A 198 0.26 -5.73 30.70
C ASN A 198 0.24 -6.48 29.38
N ASN A 199 -0.89 -6.46 28.65
N ASN A 199 -0.89 -6.46 28.67
CA ASN A 199 -0.97 -7.10 27.36
CA ASN A 199 -1.03 -7.12 27.39
C ASN A 199 -1.47 -6.17 26.29
C ASN A 199 -1.34 -6.10 26.29
N ILE A 200 -1.06 -6.45 25.05
CA ILE A 200 -1.51 -5.70 23.90
C ILE A 200 -2.38 -6.69 23.09
N MET A 201 -3.64 -6.33 22.90
CA MET A 201 -4.58 -7.17 22.15
C MET A 201 -4.81 -6.56 20.76
N PHE A 202 -4.47 -7.32 19.72
CA PHE A 202 -4.73 -6.94 18.35
C PHE A 202 -6.00 -7.70 18.01
N LYS A 203 -7.12 -6.99 17.89
CA LYS A 203 -8.44 -7.61 17.80
C LYS A 203 -9.44 -6.50 17.48
N LEU A 204 -10.42 -6.76 16.62
CA LEU A 204 -11.50 -5.78 16.39
C LEU A 204 -12.43 -5.83 17.58
N ASP A 205 -12.51 -4.72 18.29
CA ASP A 205 -13.22 -4.67 19.55
C ASP A 205 -14.27 -3.56 19.47
N GLY A 206 -15.54 -3.95 19.48
CA GLY A 206 -16.67 -3.02 19.41
C GLY A 206 -17.07 -2.63 17.98
N CYS A 207 -16.64 -3.41 17.00
CA CYS A 207 -17.00 -3.13 15.61
C CYS A 207 -18.35 -3.82 15.28
N ARG A 208 -19.30 -3.04 14.83
CA ARG A 208 -20.68 -3.48 14.58
C ARG A 208 -20.84 -3.96 13.16
N ASP A 209 -19.81 -3.81 12.32
CA ASP A 209 -19.81 -4.35 10.96
C ASP A 209 -19.22 -5.74 11.04
N THR A 210 -20.12 -6.72 10.96
CA THR A 210 -19.76 -8.12 11.04
C THR A 210 -18.73 -8.57 9.98
N HIS A 211 -18.67 -7.89 8.86
CA HIS A 211 -17.78 -8.21 7.73
C HIS A 211 -16.41 -7.54 7.76
N ARG A 212 -16.19 -6.67 8.75
CA ARG A 212 -15.01 -5.83 8.77
C ARG A 212 -13.79 -6.69 8.99
N TYR A 213 -12.66 -6.29 8.39
CA TYR A 213 -11.36 -6.84 8.79
C TYR A 213 -10.34 -5.77 8.63
N ILE A 214 -9.10 -6.03 9.08
CA ILE A 214 -7.94 -5.21 8.72
C ILE A 214 -6.79 -6.13 8.35
N TRP A 215 -5.85 -5.60 7.60
CA TRP A 215 -4.52 -6.19 7.48
C TRP A 215 -3.53 -5.29 8.27
N ILE A 216 -2.60 -5.90 8.96
CA ILE A 216 -1.57 -5.17 9.69
C ILE A 216 -0.19 -5.83 9.48
N LYS A 217 0.87 -5.04 9.63
CA LYS A 217 2.20 -5.63 9.60
C LYS A 217 3.22 -4.73 10.30
N TYR A 218 4.31 -5.36 10.72
CA TYR A 218 5.49 -4.70 11.30
C TYR A 218 5.21 -3.83 12.53
N PHE A 219 4.41 -4.34 13.46
CA PHE A 219 4.10 -3.55 14.65
C PHE A 219 5.38 -3.37 15.51
N ASN A 220 5.70 -2.13 15.83
CA ASN A 220 6.80 -1.79 16.75
C ASN A 220 6.37 -0.87 17.87
N LEU A 221 7.02 -1.03 19.03
CA LEU A 221 6.91 -0.07 20.13
C LEU A 221 8.31 0.39 20.45
N PHE A 222 8.44 1.68 20.73
CA PHE A 222 9.73 2.29 21.04
C PHE A 222 9.67 3.02 22.38
N ASP A 223 10.78 3.03 23.12
CA ASP A 223 10.82 3.70 24.41
C ASP A 223 11.33 5.15 24.32
N LYS A 224 11.10 5.80 23.18
CA LYS A 224 11.43 7.21 23.01
C LYS A 224 10.41 7.84 22.10
N GLU A 225 10.43 9.17 22.04
CA GLU A 225 9.75 9.91 21.00
C GLU A 225 10.62 9.83 19.75
N LEU A 226 10.14 9.20 18.68
CA LEU A 226 10.93 9.20 17.44
C LEU A 226 10.93 10.61 16.81
N ASN A 227 12.08 11.05 16.29
CA ASN A 227 12.13 12.33 15.55
C ASN A 227 11.82 12.12 14.04
N GLU A 228 11.73 13.22 13.30
CA GLU A 228 11.31 13.19 11.89
C GLU A 228 12.23 12.36 11.03
N LYS A 229 13.54 12.52 11.19
CA LYS A 229 14.53 11.69 10.49
C LYS A 229 14.35 10.19 10.79
N GLU A 230 14.14 9.83 12.04
CA GLU A 230 13.97 8.43 12.39
C GLU A 230 12.70 7.83 11.74
N ILE A 231 11.65 8.62 11.72
CA ILE A 231 10.36 8.20 11.14
C ILE A 231 10.50 8.03 9.61
N LYS A 232 11.08 9.01 8.95
CA LYS A 232 11.33 8.90 7.51
C LYS A 232 12.22 7.72 7.20
N ASP A 233 13.28 7.50 7.99
CA ASP A 233 14.14 6.36 7.77
C ASP A 233 13.39 5.04 7.95
N LEU A 234 12.56 4.96 8.98
CA LEU A 234 11.82 3.74 9.27
C LEU A 234 10.84 3.43 8.12
N TYR A 235 10.15 4.47 7.63
CA TYR A 235 9.25 4.35 6.47
C TYR A 235 10.01 3.82 5.26
N ASP A 236 11.14 4.48 4.96
CA ASP A 236 11.98 4.07 3.81
C ASP A 236 12.45 2.64 3.99
N ASN A 237 12.93 2.30 5.20
CA ASN A 237 13.49 0.97 5.43
C ASN A 237 12.43 -0.15 5.38
N GLN A 238 11.28 0.03 6.02
CA GLN A 238 10.21 -0.97 5.96
C GLN A 238 9.40 -0.99 4.63
N SER A 239 9.68 -0.06 3.71
CA SER A 239 9.03 0.02 2.40
C SER A 239 9.40 -1.11 1.43
N ASN A 240 10.46 -1.87 1.69
CA ASN A 240 10.92 -2.93 0.77
C ASN A 240 11.07 -2.34 -0.66
N SER A 241 11.83 -1.26 -0.76
CA SER A 241 11.86 -0.41 -1.98
C SER A 241 12.59 -1.03 -3.18
N GLY A 242 13.30 -2.13 -2.96
CA GLY A 242 13.81 -2.98 -4.03
C GLY A 242 12.74 -3.83 -4.70
N ILE A 243 11.51 -3.82 -4.18
CA ILE A 243 10.39 -4.63 -4.70
C ILE A 243 9.29 -3.68 -5.19
N LEU A 244 8.88 -3.86 -6.45
CA LEU A 244 7.81 -3.04 -7.01
C LEU A 244 6.48 -3.36 -6.30
N LYS A 245 5.60 -2.38 -6.19
CA LYS A 245 4.31 -2.57 -5.52
C LYS A 245 3.14 -2.45 -6.47
N ASP A 246 2.09 -3.22 -6.23
CA ASP A 246 0.80 -2.98 -6.89
C ASP A 246 0.08 -1.78 -6.25
N PHE A 247 -1.11 -1.46 -6.76
CA PHE A 247 -1.84 -0.27 -6.35
C PHE A 247 -2.18 -0.30 -4.85
N TRP A 248 -2.46 -1.48 -4.32
CA TRP A 248 -2.83 -1.63 -2.92
C TRP A 248 -1.62 -1.55 -1.97
N GLY A 249 -0.40 -1.60 -2.52
CA GLY A 249 0.83 -1.66 -1.73
C GLY A 249 1.42 -3.03 -1.52
N ASP A 250 0.77 -4.07 -2.05
CA ASP A 250 1.33 -5.41 -2.00
C ASP A 250 2.47 -5.53 -3.01
N TYR A 251 3.28 -6.57 -2.88
CA TYR A 251 4.30 -6.88 -3.87
C TYR A 251 3.69 -7.09 -5.24
N LEU A 252 4.23 -6.39 -6.23
CA LEU A 252 3.89 -6.66 -7.62
C LEU A 252 4.38 -8.05 -8.01
N GLN A 253 3.55 -8.80 -8.72
CA GLN A 253 3.84 -10.18 -9.10
C GLN A 253 3.89 -10.42 -10.60
N TYR A 254 4.68 -11.42 -10.99
CA TYR A 254 4.57 -12.02 -12.31
C TYR A 254 3.31 -12.86 -12.41
N ASP A 255 2.86 -13.09 -13.64
CA ASP A 255 1.74 -14.00 -13.94
C ASP A 255 0.42 -13.62 -13.28
N LYS A 256 0.24 -12.35 -12.93
CA LYS A 256 -0.97 -11.92 -12.23
C LYS A 256 -1.64 -10.79 -13.00
N PRO A 257 -2.91 -10.97 -13.41
CA PRO A 257 -3.52 -9.93 -14.24
C PRO A 257 -3.82 -8.65 -13.45
N TYR A 258 -3.49 -7.51 -14.06
CA TYR A 258 -3.69 -6.22 -13.48
C TYR A 258 -4.40 -5.22 -14.40
N TYR A 259 -5.29 -4.41 -13.81
CA TYR A 259 -5.85 -3.28 -14.51
C TYR A 259 -4.90 -2.12 -14.33
N MET A 260 -4.78 -1.29 -15.36
CA MET A 260 -3.80 -0.21 -15.35
C MET A 260 -4.43 1.13 -15.05
N LEU A 261 -3.74 1.93 -14.23
CA LEU A 261 -4.11 3.33 -13.98
C LEU A 261 -2.94 4.24 -14.31
N ASN A 262 -3.17 5.26 -15.14
CA ASN A 262 -2.16 6.26 -15.41
C ASN A 262 -2.47 7.44 -14.52
N LEU A 263 -1.53 7.81 -13.67
CA LEU A 263 -1.81 8.81 -12.63
C LEU A 263 -2.08 10.21 -13.21
N VAL A 264 -1.39 10.57 -14.30
CA VAL A 264 -1.58 11.87 -14.95
C VAL A 264 -2.87 11.96 -15.74
N ASP A 265 -3.45 10.84 -16.18
CA ASP A 265 -4.75 10.85 -16.84
C ASP A 265 -5.66 9.80 -16.20
N PRO A 266 -6.10 10.04 -14.94
CA PRO A 266 -6.74 8.97 -14.19
C PRO A 266 -8.18 8.69 -14.60
N ASN A 267 -8.84 9.55 -15.38
CA ASN A 267 -10.21 9.22 -15.85
C ASN A 267 -10.30 8.33 -17.09
N LYS A 268 -9.14 7.88 -17.58
CA LYS A 268 -9.09 6.99 -18.73
C LYS A 268 -8.50 5.63 -18.32
N TYR A 269 -8.68 4.66 -19.20
CA TYR A 269 -8.11 3.33 -19.01
C TYR A 269 -7.53 2.86 -20.35
N VAL A 270 -6.67 1.84 -20.27
CA VAL A 270 -6.01 1.30 -21.47
C VAL A 270 -6.96 0.43 -22.26
N ASP A 271 -6.96 0.61 -23.58
CA ASP A 271 -7.64 -0.29 -24.49
C ASP A 271 -6.75 -0.50 -25.71
N VAL A 272 -7.10 -1.51 -26.50
CA VAL A 272 -6.41 -1.82 -27.76
C VAL A 272 -7.46 -1.67 -28.84
N ASN A 273 -7.20 -0.90 -29.89
CA ASN A 273 -8.26 -0.73 -30.92
C ASN A 273 -8.43 -2.02 -31.72
N ASN A 274 -7.30 -2.60 -32.11
CA ASN A 274 -7.20 -3.91 -32.77
C ASN A 274 -5.86 -4.53 -32.43
N VAL A 275 -5.84 -5.83 -32.24
CA VAL A 275 -4.57 -6.53 -32.06
C VAL A 275 -3.78 -6.50 -33.38
N GLY A 276 -2.46 -6.69 -33.26
CA GLY A 276 -1.56 -6.75 -34.39
C GLY A 276 -0.77 -5.49 -34.63
N ILE A 277 0.15 -5.56 -35.58
CA ILE A 277 1.11 -4.49 -35.83
C ILE A 277 0.50 -3.19 -36.44
N ARG A 278 -0.73 -3.25 -36.96
CA ARG A 278 -1.45 -2.05 -37.45
C ARG A 278 -2.41 -1.48 -36.42
N GLY A 279 -2.49 -2.11 -35.25
CA GLY A 279 -3.28 -1.57 -34.17
C GLY A 279 -2.40 -0.83 -33.20
N TYR A 280 -3.02 -0.35 -32.14
CA TYR A 280 -2.29 0.39 -31.12
C TYR A 280 -3.04 0.31 -29.81
N MET A 281 -2.28 0.47 -28.74
CA MET A 281 -2.83 0.61 -27.39
C MET A 281 -3.07 2.10 -27.17
N TYR A 282 -4.15 2.44 -26.49
CA TYR A 282 -4.50 3.84 -26.21
C TYR A 282 -5.27 4.01 -24.92
N LEU A 283 -5.41 5.27 -24.50
CA LEU A 283 -6.21 5.63 -23.35
C LEU A 283 -7.60 6.05 -23.81
N LYS A 284 -8.61 5.36 -23.29
CA LYS A 284 -9.98 5.74 -23.55
C LYS A 284 -10.76 5.98 -22.29
N GLY A 285 -11.92 6.59 -22.47
CA GLY A 285 -12.73 7.08 -21.36
C GLY A 285 -14.21 6.82 -21.49
N PRO A 286 -14.96 7.44 -20.61
CA PRO A 286 -14.83 7.44 -19.18
C PRO A 286 -14.65 6.16 -18.40
N ARG A 287 -13.92 6.30 -17.32
CA ARG A 287 -13.73 5.25 -16.36
C ARG A 287 -15.03 4.94 -15.64
N GLY A 288 -15.82 5.98 -15.34
CA GLY A 288 -17.07 5.79 -14.62
C GLY A 288 -16.73 5.72 -13.14
N SER A 289 -17.77 5.51 -12.35
CA SER A 289 -17.68 5.52 -10.88
C SER A 289 -18.30 4.30 -10.24
N VAL A 290 -17.87 4.03 -9.01
CA VAL A 290 -18.49 3.03 -8.15
C VAL A 290 -19.03 3.80 -6.96
N MET A 291 -20.22 3.43 -6.48
CA MET A 291 -20.79 4.11 -5.32
CA MET A 291 -20.84 4.14 -5.36
C MET A 291 -21.74 3.27 -4.50
N THR A 292 -21.85 3.65 -3.23
CA THR A 292 -22.94 3.27 -2.37
C THR A 292 -23.34 4.58 -1.70
N THR A 293 -24.60 4.95 -1.89
CA THR A 293 -25.07 6.28 -1.53
C THR A 293 -24.74 6.69 -0.09
N ASN A 294 -24.14 7.86 0.01
CA ASN A 294 -23.57 8.43 1.23
C ASN A 294 -22.51 7.62 1.97
N ILE A 295 -22.00 6.53 1.38
CA ILE A 295 -20.93 5.75 2.00
C ILE A 295 -19.61 5.89 1.24
N TYR A 296 -19.65 5.71 -0.08
CA TYR A 296 -18.49 5.96 -0.90
C TYR A 296 -18.87 6.37 -2.31
N LEU A 297 -17.94 7.06 -2.96
CA LEU A 297 -18.09 7.46 -4.37
C LEU A 297 -16.70 7.63 -4.95
N ASN A 298 -16.31 6.71 -5.82
CA ASN A 298 -14.93 6.64 -6.31
C ASN A 298 -14.90 6.31 -7.80
N SER A 299 -13.77 6.58 -8.44
CA SER A 299 -13.57 6.06 -9.79
C SER A 299 -13.52 4.54 -9.81
N SER A 300 -14.18 3.96 -10.81
CA SER A 300 -14.11 2.56 -11.13
C SER A 300 -12.65 2.20 -11.43
N LEU A 301 -12.15 1.11 -10.84
CA LEU A 301 -10.77 0.71 -11.05
C LEU A 301 -10.62 -0.52 -11.96
N TYR A 302 -11.69 -1.28 -12.21
CA TYR A 302 -11.57 -2.55 -12.92
C TYR A 302 -12.00 -2.34 -14.38
N ARG A 303 -11.22 -1.52 -15.07
CA ARG A 303 -11.50 -1.11 -16.44
C ARG A 303 -10.32 -1.35 -17.37
N GLY A 304 -10.62 -1.70 -18.61
CA GLY A 304 -9.60 -1.79 -19.65
C GLY A 304 -8.85 -3.10 -19.74
N THR A 305 -7.90 -3.09 -20.66
CA THR A 305 -7.07 -4.23 -21.02
C THR A 305 -6.14 -4.56 -19.86
N LYS A 306 -6.19 -5.80 -19.39
CA LYS A 306 -5.34 -6.21 -18.28
C LYS A 306 -3.92 -6.48 -18.77
N PHE A 307 -2.95 -6.14 -17.94
CA PHE A 307 -1.54 -6.42 -18.18
C PHE A 307 -1.11 -7.61 -17.30
N ILE A 308 -0.26 -8.45 -17.86
CA ILE A 308 0.35 -9.55 -17.12
C ILE A 308 1.87 -9.46 -17.32
N ILE A 309 2.62 -9.40 -16.24
CA ILE A 309 4.07 -9.30 -16.30
C ILE A 309 4.66 -10.73 -16.39
N LYS A 310 5.54 -10.96 -17.36
CA LYS A 310 6.13 -12.28 -17.59
C LYS A 310 7.63 -12.27 -17.34
N LYS A 311 8.13 -13.38 -16.79
CA LYS A 311 9.56 -13.52 -16.54
C LYS A 311 10.37 -13.53 -17.84
N TYR A 312 11.52 -12.88 -17.81
CA TYR A 312 12.43 -12.87 -18.92
C TYR A 312 13.82 -13.21 -18.40
N ALA A 313 14.43 -12.31 -17.64
CA ALA A 313 15.76 -12.53 -17.08
C ALA A 313 15.83 -12.74 -15.56
N SER A 314 14.72 -12.63 -14.84
CA SER A 314 14.73 -12.81 -13.37
C SER A 314 15.28 -14.19 -13.01
N GLY A 315 16.23 -14.19 -12.08
CA GLY A 315 16.81 -15.41 -11.54
C GLY A 315 16.05 -15.98 -10.35
N ASN A 316 15.25 -15.15 -9.66
CA ASN A 316 14.53 -15.63 -8.47
C ASN A 316 13.37 -16.58 -8.84
N LYS A 317 13.26 -17.70 -8.12
CA LYS A 317 12.18 -18.69 -8.35
C LYS A 317 10.79 -18.16 -8.02
N ASP A 318 10.72 -17.20 -7.11
CA ASP A 318 9.43 -16.71 -6.61
C ASP A 318 8.73 -15.81 -7.64
N ASN A 319 7.54 -15.31 -7.29
CA ASN A 319 6.69 -14.59 -8.24
C ASN A 319 6.79 -13.07 -8.10
N ILE A 320 7.79 -12.59 -7.36
CA ILE A 320 7.92 -11.16 -7.03
C ILE A 320 8.69 -10.37 -8.10
N VAL A 321 8.11 -9.24 -8.51
CA VAL A 321 8.79 -8.32 -9.44
C VAL A 321 9.69 -7.35 -8.69
N ARG A 322 10.99 -7.42 -8.96
CA ARG A 322 11.98 -6.57 -8.32
C ARG A 322 12.51 -5.44 -9.20
N ASN A 323 13.03 -4.41 -8.54
CA ASN A 323 13.63 -3.27 -9.23
C ASN A 323 14.72 -3.73 -10.16
N ASN A 324 14.70 -3.20 -11.38
CA ASN A 324 15.58 -3.60 -12.50
C ASN A 324 15.35 -4.96 -13.13
N ASP A 325 14.29 -5.68 -12.73
CA ASP A 325 13.97 -6.94 -13.39
C ASP A 325 13.68 -6.63 -14.85
N ARG A 326 14.17 -7.50 -15.72
CA ARG A 326 13.93 -7.43 -17.15
C ARG A 326 12.82 -8.43 -17.46
N VAL A 327 11.74 -7.95 -18.06
CA VAL A 327 10.49 -8.68 -18.23
C VAL A 327 9.88 -8.53 -19.63
N TYR A 328 8.86 -9.34 -19.92
CA TYR A 328 7.90 -9.07 -21.01
C TYR A 328 6.59 -8.63 -20.39
N ILE A 329 5.78 -7.92 -21.16
CA ILE A 329 4.44 -7.52 -20.75
C ILE A 329 3.44 -8.16 -21.72
N ASN A 330 2.52 -8.95 -21.18
CA ASN A 330 1.41 -9.45 -21.97
C ASN A 330 0.19 -8.58 -21.71
N VAL A 331 -0.68 -8.52 -22.68
CA VAL A 331 -1.91 -7.74 -22.58
C VAL A 331 -3.04 -8.68 -22.95
N VAL A 332 -4.15 -8.56 -22.23
CA VAL A 332 -5.28 -9.44 -22.42
C VAL A 332 -6.37 -8.75 -23.24
N VAL A 333 -6.73 -9.36 -24.36
CA VAL A 333 -7.76 -8.82 -25.25
C VAL A 333 -8.71 -9.97 -25.54
N LYS A 334 -9.98 -9.77 -25.22
CA LYS A 334 -11.01 -10.82 -25.33
C LYS A 334 -10.54 -12.15 -24.72
N ASN A 335 -10.04 -12.08 -23.50
CA ASN A 335 -9.64 -13.27 -22.77
C ASN A 335 -8.49 -14.06 -23.43
N LYS A 336 -7.65 -13.40 -24.24
CA LYS A 336 -6.49 -14.06 -24.85
C LYS A 336 -5.26 -13.14 -24.66
N GLU A 337 -4.08 -13.72 -24.51
CA GLU A 337 -2.84 -12.99 -24.26
C GLU A 337 -2.09 -12.63 -25.53
N TYR A 338 -1.68 -11.37 -25.59
CA TYR A 338 -0.86 -10.79 -26.65
C TYR A 338 0.35 -10.15 -26.00
N ARG A 339 1.36 -9.86 -26.81
CA ARG A 339 2.62 -9.29 -26.35
C ARG A 339 2.71 -7.81 -26.66
N LEU A 340 3.01 -7.02 -25.64
CA LEU A 340 3.33 -5.61 -25.84
C LEU A 340 4.64 -5.47 -26.62
N ALA A 341 4.61 -4.74 -27.74
CA ALA A 341 5.76 -4.62 -28.60
C ALA A 341 5.71 -3.38 -29.46
N THR A 342 6.86 -3.00 -30.02
CA THR A 342 6.96 -1.94 -31.01
C THR A 342 8.12 -2.21 -31.97
N ASN A 343 8.04 -1.61 -33.16
CA ASN A 343 9.16 -1.53 -34.08
C ASN A 343 9.98 -0.28 -33.78
N ALA A 344 11.21 -0.47 -33.33
CA ALA A 344 12.07 0.65 -32.96
C ALA A 344 12.84 1.27 -34.14
N SER A 345 12.67 0.76 -35.36
CA SER A 345 13.61 1.06 -36.46
C SER A 345 13.42 2.38 -37.21
N GLN A 346 12.19 2.92 -37.25
CA GLN A 346 11.97 4.24 -37.88
C GLN A 346 12.45 5.33 -36.92
N ALA A 347 13.04 6.39 -37.48
CA ALA A 347 13.38 7.57 -36.68
C ALA A 347 12.09 8.14 -36.06
N GLY A 348 12.25 8.97 -35.04
CA GLY A 348 11.11 9.53 -34.33
C GLY A 348 11.21 9.08 -32.89
N VAL A 349 10.88 9.99 -31.98
CA VAL A 349 11.13 9.80 -30.55
C VAL A 349 10.12 8.82 -29.95
N GLU A 350 8.84 8.98 -30.30
CA GLU A 350 7.80 8.18 -29.67
C GLU A 350 7.55 6.92 -30.51
N LYS A 351 7.63 5.77 -29.87
CA LYS A 351 7.38 4.51 -30.52
C LYS A 351 6.03 3.99 -30.05
N ILE A 352 5.05 3.96 -30.96
CA ILE A 352 3.68 3.52 -30.62
C ILE A 352 3.69 2.01 -30.29
N LEU A 353 2.99 1.64 -29.22
CA LEU A 353 2.96 0.25 -28.76
C LEU A 353 1.76 -0.47 -29.34
N SER A 354 1.95 -1.74 -29.69
CA SER A 354 0.89 -2.59 -30.23
C SER A 354 0.83 -3.86 -29.41
N ALA A 355 -0.28 -4.57 -29.55
CA ALA A 355 -0.47 -5.87 -28.92
C ALA A 355 -0.32 -6.92 -30.01
N LEU A 356 0.77 -7.68 -29.95
CA LEU A 356 1.10 -8.69 -30.99
C LEU A 356 0.75 -10.13 -30.62
N GLU A 357 0.39 -10.93 -31.64
CA GLU A 357 0.33 -12.39 -31.46
C GLU A 357 1.70 -12.85 -31.00
N ILE A 358 1.73 -13.54 -29.86
CA ILE A 358 2.97 -13.95 -29.23
C ILE A 358 3.83 -14.76 -30.20
N PRO A 359 3.26 -15.78 -30.88
CA PRO A 359 4.06 -16.54 -31.85
C PRO A 359 4.68 -15.70 -32.96
N ASP A 360 4.12 -14.52 -33.24
CA ASP A 360 4.51 -13.66 -34.38
C ASP A 360 5.21 -12.34 -34.01
N VAL A 361 5.84 -12.26 -32.85
CA VAL A 361 6.53 -11.03 -32.43
C VAL A 361 7.77 -10.76 -33.27
N GLY A 362 8.45 -11.83 -33.68
CA GLY A 362 9.59 -11.71 -34.58
C GLY A 362 10.71 -10.89 -34.00
N ASN A 363 11.15 -9.89 -34.74
CA ASN A 363 12.24 -9.02 -34.33
C ASN A 363 11.77 -7.69 -33.75
N LEU A 364 10.51 -7.61 -33.33
CA LEU A 364 10.01 -6.42 -32.63
C LEU A 364 10.64 -6.35 -31.23
N SER A 365 10.69 -5.14 -30.67
CA SER A 365 11.27 -4.90 -29.36
C SER A 365 10.20 -5.09 -28.29
N GLN A 366 10.53 -5.88 -27.27
CA GLN A 366 9.57 -6.19 -26.21
C GLN A 366 10.14 -6.21 -24.78
N VAL A 367 11.45 -6.15 -24.61
CA VAL A 367 12.01 -6.30 -23.27
C VAL A 367 11.83 -4.97 -22.51
N VAL A 368 11.31 -5.09 -21.29
CA VAL A 368 11.00 -3.97 -20.42
C VAL A 368 11.76 -4.09 -19.12
N VAL A 369 12.42 -3.00 -18.72
CA VAL A 369 13.08 -2.93 -17.44
C VAL A 369 12.12 -2.29 -16.46
N MET A 370 11.75 -3.03 -15.42
CA MET A 370 10.80 -2.55 -14.39
C MET A 370 11.56 -1.75 -13.35
N LYS A 371 11.02 -0.58 -13.01
CA LYS A 371 11.69 0.33 -12.07
C LYS A 371 10.76 0.71 -10.92
N SER A 372 11.26 0.54 -9.69
CA SER A 372 10.66 1.07 -8.47
C SER A 372 11.38 2.34 -7.96
N LYS A 373 12.54 2.66 -8.53
CA LYS A 373 13.34 3.83 -8.12
C LYS A 373 13.76 4.72 -9.30
N ASN A 374 13.70 6.04 -9.10
CA ASN A 374 14.16 7.04 -10.07
C ASN A 374 15.64 6.83 -10.42
N ASP A 375 16.51 6.96 -9.42
CA ASP A 375 17.92 6.59 -9.52
C ASP A 375 18.20 5.53 -8.46
N GLN A 376 19.46 5.10 -8.38
CA GLN A 376 19.91 4.28 -7.26
C GLN A 376 19.75 5.10 -5.98
N GLY A 377 18.60 4.93 -5.32
CA GLY A 377 18.21 5.74 -4.15
C GLY A 377 16.74 6.08 -4.13
N ILE A 378 16.33 7.03 -4.98
CA ILE A 378 15.01 7.70 -4.89
C ILE A 378 13.85 6.90 -5.48
N THR A 379 12.85 6.57 -4.65
CA THR A 379 11.73 5.68 -5.02
C THR A 379 10.59 6.41 -5.73
N ASN A 380 10.23 5.92 -6.92
CA ASN A 380 9.14 6.46 -7.75
C ASN A 380 8.04 5.39 -7.89
N LYS A 381 6.83 5.82 -8.30
CA LYS A 381 5.74 4.92 -8.71
C LYS A 381 6.16 4.16 -9.98
N CYS A 382 5.57 2.98 -10.22
CA CYS A 382 6.06 2.06 -11.26
C CYS A 382 6.35 2.70 -12.60
N LYS A 383 7.49 2.31 -13.17
CA LYS A 383 7.87 2.68 -14.48
C LYS A 383 8.36 1.42 -15.24
N MET A 384 8.28 1.53 -16.55
CA MET A 384 8.53 0.44 -17.46
C MET A 384 9.38 1.09 -18.55
N ASN A 385 10.66 0.74 -18.60
CA ASN A 385 11.60 1.30 -19.54
C ASN A 385 11.82 0.25 -20.65
N LEU A 386 11.25 0.48 -21.82
CA LEU A 386 11.31 -0.48 -22.94
C LEU A 386 12.69 -0.39 -23.62
N GLN A 387 13.26 -1.57 -23.90
CA GLN A 387 14.60 -1.74 -24.51
C GLN A 387 14.45 -2.19 -25.95
N ASP A 388 15.36 -1.78 -26.83
CA ASP A 388 15.44 -2.42 -28.16
C ASP A 388 16.24 -3.74 -28.08
N ASN A 389 16.32 -4.47 -29.19
CA ASN A 389 17.01 -5.77 -29.20
C ASN A 389 18.54 -5.71 -29.26
N ASN A 390 19.11 -4.51 -29.32
CA ASN A 390 20.52 -4.32 -29.01
C ASN A 390 20.76 -3.88 -27.59
N GLY A 391 19.71 -3.82 -26.77
CA GLY A 391 19.83 -3.46 -25.37
C GLY A 391 19.91 -1.98 -25.07
N ASN A 392 19.55 -1.13 -26.04
CA ASN A 392 19.50 0.32 -25.80
C ASN A 392 18.10 0.68 -25.36
N ASP A 393 17.97 1.71 -24.53
CA ASP A 393 16.65 2.23 -24.15
C ASP A 393 15.90 2.74 -25.35
N ILE A 394 14.65 2.30 -25.50
CA ILE A 394 13.69 2.96 -26.36
C ILE A 394 12.95 4.02 -25.54
N GLY A 395 12.78 3.79 -24.24
CA GLY A 395 12.26 4.81 -23.31
C GLY A 395 11.14 4.33 -22.41
N PHE A 396 10.80 5.14 -21.41
CA PHE A 396 9.71 4.83 -20.50
C PHE A 396 8.40 4.78 -21.26
N ILE A 397 7.54 3.87 -20.83
CA ILE A 397 6.21 3.76 -21.43
C ILE A 397 5.26 4.75 -20.78
N GLY A 398 4.64 5.57 -21.63
CA GLY A 398 3.62 6.52 -21.22
C GLY A 398 2.63 6.65 -22.35
N PHE A 399 2.30 7.90 -22.69
CA PHE A 399 1.36 8.13 -23.77
C PHE A 399 1.64 9.47 -24.43
N LYS A 400 1.10 9.61 -25.64
CA LYS A 400 1.32 10.78 -26.47
C LYS A 400 0.01 11.06 -27.22
N GLN A 401 -0.44 12.31 -27.09
CA GLN A 401 -1.64 12.78 -27.75
C GLN A 401 -1.29 13.00 -29.22
N PHE A 402 -1.80 12.13 -30.08
CA PHE A 402 -1.69 12.28 -31.52
C PHE A 402 -3.03 12.85 -32.02
N ASN A 403 -3.11 14.18 -31.94
CA ASN A 403 -4.33 14.91 -32.20
C ASN A 403 -5.47 14.51 -31.26
N ASN A 404 -6.36 13.61 -31.68
CA ASN A 404 -7.53 13.23 -30.86
C ASN A 404 -7.39 11.90 -30.11
N ILE A 405 -6.28 11.18 -30.30
CA ILE A 405 -6.08 9.84 -29.69
C ILE A 405 -4.79 9.87 -28.87
N ALA A 406 -4.87 9.53 -27.58
CA ALA A 406 -3.68 9.35 -26.73
C ALA A 406 -3.21 7.91 -26.84
N LYS A 407 -2.25 7.67 -27.71
CA LYS A 407 -1.70 6.32 -27.90
C LYS A 407 -0.63 6.04 -26.88
N LEU A 408 -0.53 4.80 -26.40
CA LEU A 408 0.62 4.41 -25.57
C LEU A 408 1.88 4.38 -26.42
N VAL A 409 2.95 4.97 -25.88
CA VAL A 409 4.23 4.98 -26.51
C VAL A 409 5.35 4.66 -25.52
N ALA A 410 6.47 4.21 -26.05
CA ALA A 410 7.74 4.29 -25.35
C ALA A 410 8.50 5.48 -25.90
N SER A 411 9.08 6.28 -25.01
CA SER A 411 9.72 7.54 -25.44
C SER A 411 10.84 7.98 -24.52
N ASN A 412 12.05 8.08 -25.08
CA ASN A 412 13.22 8.60 -24.33
C ASN A 412 13.12 10.04 -23.89
N TRP A 413 12.17 10.78 -24.47
CA TRP A 413 11.81 12.12 -23.99
C TRP A 413 11.55 12.06 -22.49
N TYR A 414 10.80 11.07 -22.03
CA TYR A 414 10.55 10.88 -20.59
C TYR A 414 11.83 10.64 -19.77
N ASN A 415 12.73 9.84 -20.32
CA ASN A 415 14.00 9.52 -19.65
C ASN A 415 14.87 10.77 -19.41
N ARG A 416 14.84 11.72 -20.33
CA ARG A 416 15.63 12.94 -20.20
C ARG A 416 15.07 13.99 -19.24
N GLN A 417 13.81 13.86 -18.80
CA GLN A 417 13.19 14.90 -17.94
C GLN A 417 13.68 14.77 -16.50
N SER A 421 13.91 17.12 -13.98
CA SER A 421 12.92 17.24 -12.91
C SER A 421 12.56 15.88 -12.31
N SER A 422 11.80 15.92 -11.21
CA SER A 422 11.18 14.71 -10.64
C SER A 422 9.67 14.94 -10.38
N ARG A 423 9.04 15.74 -11.24
CA ARG A 423 7.59 15.93 -11.26
C ARG A 423 6.86 14.69 -11.80
N THR A 424 5.53 14.67 -11.60
CA THR A 424 4.69 13.58 -12.11
C THR A 424 4.51 13.73 -13.63
N LEU A 425 4.83 12.65 -14.37
CA LEU A 425 4.80 12.62 -15.84
C LEU A 425 3.84 11.52 -16.31
N GLY A 426 3.58 11.49 -17.62
CA GLY A 426 2.69 10.47 -18.18
C GLY A 426 3.20 9.04 -18.17
N CYS A 427 4.45 8.80 -17.72
CA CYS A 427 4.99 7.44 -17.62
C CYS A 427 4.82 6.77 -16.25
N SER A 428 3.99 7.34 -15.38
CA SER A 428 3.74 6.74 -14.06
C SER A 428 2.48 5.91 -14.09
N TRP A 429 2.60 4.63 -13.70
CA TRP A 429 1.49 3.69 -13.72
C TRP A 429 1.30 3.00 -12.37
N GLU A 430 0.07 2.55 -12.15
CA GLU A 430 -0.26 1.67 -11.06
C GLU A 430 -0.91 0.43 -11.63
N PHE A 431 -0.64 -0.71 -11.00
CA PHE A 431 -1.13 -2.04 -11.40
C PHE A 431 -2.17 -2.49 -10.39
N ILE A 432 -3.43 -2.68 -10.81
CA ILE A 432 -4.51 -2.91 -9.86
C ILE A 432 -5.12 -4.32 -10.03
N PRO A 433 -4.91 -5.20 -9.03
CA PRO A 433 -5.61 -6.47 -9.03
C PRO A 433 -6.94 -6.41 -8.29
N VAL A 434 -7.83 -7.35 -8.58
CA VAL A 434 -9.10 -7.41 -7.89
C VAL A 434 -8.86 -7.77 -6.43
N ASP A 435 -9.48 -7.03 -5.52
CA ASP A 435 -9.24 -7.18 -4.09
C ASP A 435 -10.57 -6.99 -3.36
N ASP A 436 -10.83 -7.90 -2.41
CA ASP A 436 -12.06 -7.85 -1.62
C ASP A 436 -12.23 -6.62 -0.75
N GLY A 437 -11.17 -5.89 -0.45
CA GLY A 437 -11.34 -4.64 0.26
C GLY A 437 -11.80 -3.44 -0.57
N TRP A 438 -11.94 -3.63 -1.87
CA TRP A 438 -12.39 -2.57 -2.77
C TRP A 438 -13.88 -2.80 -3.12
N GLY A 439 -14.22 -4.02 -3.51
CA GLY A 439 -15.63 -4.41 -3.58
C GLY A 439 -16.38 -4.17 -4.88
N GLU A 440 -15.71 -3.56 -5.85
CA GLU A 440 -16.26 -3.38 -7.17
C GLU A 440 -16.42 -4.75 -7.84
N ARG A 441 -17.42 -4.87 -8.71
CA ARG A 441 -17.61 -6.07 -9.53
C ARG A 441 -17.01 -5.85 -10.92
N PRO A 442 -16.13 -6.76 -11.39
CA PRO A 442 -15.64 -6.66 -12.78
C PRO A 442 -16.75 -6.85 -13.83
N LEU A 443 -16.92 -5.87 -14.72
CA LEU A 443 -18.05 -5.82 -15.68
C LEU A 443 -18.00 -6.99 -16.67
N GLN A 444 -16.82 -7.21 -17.24
CA GLN A 444 -16.56 -8.37 -18.11
C GLN A 444 -15.79 -9.45 -17.34
C2 BGC B . 4.78 21.63 -35.92
C3 BGC B . 5.04 20.91 -34.61
C4 BGC B . 5.22 21.97 -33.53
C5 BGC B . 3.98 22.86 -33.39
C6 BGC B . 4.22 24.00 -32.37
C1 BGC B . 3.55 22.55 -35.81
O1 BGC B . 3.46 23.36 -36.99
O2 BGC B . 4.61 20.67 -36.96
O3 BGC B . 6.21 20.11 -34.74
O4 BGC B . 5.50 21.31 -32.29
O5 BGC B . 3.62 23.42 -34.66
O6 BGC B . 5.17 24.98 -32.85
C1 GAL B . 6.90 21.17 -32.03
C2 GAL B . 7.06 21.63 -30.58
C3 GAL B . 8.35 21.14 -29.96
C4 GAL B . 8.56 19.66 -30.23
C5 GAL B . 8.53 19.38 -31.74
C6 GAL B . 8.70 17.89 -32.04
O2 GAL B . 7.01 23.06 -30.50
O3 GAL B . 8.19 21.41 -28.56
O4 GAL B . 7.48 18.94 -29.61
O5 GAL B . 7.28 19.81 -32.29
O6 GAL B . 8.62 17.70 -33.46
C1 NGA B . 7.92 18.10 -28.56
C2 NGA B . 6.68 17.74 -27.74
C3 NGA B . 6.94 16.66 -26.72
C4 NGA B . 7.72 15.51 -27.35
C5 NGA B . 8.98 16.07 -27.98
C6 NGA B . 9.85 14.94 -28.53
C7 NGA B . 5.08 19.59 -27.47
C8 NGA B . 4.66 20.72 -26.59
N2 NGA B . 6.12 18.88 -27.02
O3 NGA B . 5.62 16.30 -26.33
O4 NGA B . 6.94 14.87 -28.36
O5 NGA B . 8.62 16.95 -29.04
O6 NGA B . 11.13 15.51 -28.78
O7 NGA B . 4.51 19.34 -28.52
C1 GAL B . 5.65 15.38 -25.24
C2 GAL B . 4.37 15.62 -24.49
C3 GAL B . 4.16 14.56 -23.44
C4 GAL B . 4.51 13.11 -23.80
C5 GAL B . 5.80 13.09 -24.58
C6 GAL B . 6.16 11.69 -25.06
O2 GAL B . 4.41 16.89 -23.82
O3 GAL B . 2.76 14.59 -23.17
O4 GAL B . 3.43 12.56 -24.56
O5 GAL B . 5.69 14.00 -25.68
O6 GAL B . 7.44 11.76 -25.68
C1 SIA C . 3.24 13.37 -20.65
C2 SIA C . 2.32 14.41 -21.25
C3 SIA C . 0.83 14.27 -21.08
C4 SIA C . 0.36 15.15 -19.95
C5 SIA C . 1.02 16.54 -19.92
C6 SIA C . 2.55 16.35 -19.90
C7 SIA C . 3.69 17.40 -19.98
C8 SIA C . 3.30 18.84 -19.78
C9 SIA C . 4.46 19.79 -20.18
C10 SIA C . -0.54 18.09 -18.73
C11 SIA C . -1.27 18.48 -19.99
N5 SIA C . 0.48 17.22 -18.76
O1A SIA C . 3.01 12.16 -20.90
O1B SIA C . 4.22 13.80 -19.97
O4 SIA C . -1.06 15.19 -20.15
O6 SIA C . 2.76 15.75 -21.16
O7 SIA C . 4.74 17.04 -19.06
O8 SIA C . 2.18 19.11 -20.62
O9 SIA C . 5.78 19.26 -19.94
O10 SIA C . -0.90 18.56 -17.67
C1 SIA D . 11.50 20.05 -28.09
C2 SIA D . 10.40 20.73 -27.33
C3 SIA D . 9.95 20.20 -25.96
C4 SIA D . 9.14 21.24 -25.15
C5 SIA D . 9.50 22.73 -25.37
C6 SIA D . 10.53 22.94 -26.49
C7 SIA D . 10.61 24.40 -26.95
C8 SIA D . 12.03 24.76 -27.41
C9 SIA D . 12.55 23.81 -28.51
C10 SIA D . 9.19 23.75 -23.12
C11 SIA D . 9.88 24.36 -21.93
N5 SIA D . 9.98 23.35 -24.12
O1A SIA D . 11.84 18.89 -27.74
O1B SIA D . 12.01 20.66 -29.05
O4 SIA D . 7.74 21.03 -25.47
O6 SIA D . 10.21 22.11 -27.59
O7 SIA D . 9.69 24.64 -28.01
O8 SIA D . 12.01 26.13 -27.85
O9 SIA D . 13.49 24.44 -29.37
O10 SIA D . 7.97 23.62 -23.12
#